data_2NTC
#
_entry.id   2NTC
#
_cell.length_a   64.489
_cell.length_b   68.341
_cell.length_c   97.262
_cell.angle_alpha   90.00
_cell.angle_beta   90.00
_cell.angle_gamma   90.00
#
_symmetry.space_group_name_H-M   'P 21 21 21'
#
loop_
_entity.id
_entity.type
_entity.pdbx_description
1 polymer '21-nt PEN element of the SV40 DNA origin'
2 polymer '21-nt PEN element of the SV40 DNA origin'
3 polymer 'large T antigen'
4 water water
#
loop_
_entity_poly.entity_id
_entity_poly.type
_entity_poly.pdbx_seq_one_letter_code
_entity_poly.pdbx_strand_id
1 'polydeoxyribonucleotide'
;(DA)(DC)(DG)(DA)(DG)(DG)(DC)(DA)(DC)(DT)(DT)(DC)(DT)(DG)(DG)(DC)(DC)(DT)(DC)(DT)
(DG)
;
W
2 'polydeoxyribonucleotide'
;(DT)(DC)(DA)(DG)(DA)(DG)(DG)(DC)(DC)(DA)(DG)(DA)(DA)(DG)(DT)(DG)(DC)(DC)(DT)(DC)
(DG)
;
C
3 'polypeptide(L)'
;GSKVEDPKDFPSELLSFLSHAVFSNRTLACFAIYTTKEKAALLYKKIMEKYSVTFISRHNSYNHNILFFLTPHRHRVSAI
NNYAQKLCTFSFLICKGVNKEYLMYSALTRDPFSVIEESLPGGLKEHDFNPESS
;
A,B
#
# COMPACT_ATOMS: atom_id res chain seq x y z
N VAL C 4 13.01 5.13 9.15
CA VAL C 4 14.27 5.79 9.62
C VAL C 4 14.66 5.32 11.04
N GLU C 5 14.28 6.08 12.09
CA GLU C 5 14.48 5.65 13.49
C GLU C 5 13.72 4.35 13.85
N ASP C 6 12.71 4.02 13.04
CA ASP C 6 11.98 2.76 13.15
C ASP C 6 12.88 1.54 13.15
N PRO C 7 12.63 0.60 14.07
CA PRO C 7 13.36 -0.66 14.07
C PRO C 7 13.30 -1.38 12.71
N LYS C 8 14.38 -2.07 12.38
CA LYS C 8 14.44 -2.87 11.18
C LYS C 8 14.22 -4.35 11.49
N ASP C 9 14.45 -4.76 12.74
CA ASP C 9 14.02 -6.07 13.20
C ASP C 9 13.56 -6.02 14.66
N PHE C 10 12.96 -7.11 15.09
CA PHE C 10 12.67 -7.33 16.50
C PHE C 10 13.92 -7.05 17.35
N PRO C 11 13.76 -6.82 18.65
CA PRO C 11 14.92 -6.63 19.53
C PRO C 11 15.87 -7.83 19.54
N SER C 12 17.18 -7.55 19.57
CA SER C 12 18.21 -8.58 19.33
C SER C 12 18.09 -9.79 20.30
N GLU C 13 17.42 -9.55 21.41
CA GLU C 13 17.27 -10.45 22.54
C GLU C 13 16.16 -11.48 22.32
N LEU C 14 15.26 -11.19 21.40
CA LEU C 14 14.18 -12.10 21.01
C LEU C 14 14.50 -12.99 19.81
N LEU C 15 15.55 -12.66 19.05
CA LEU C 15 15.82 -13.25 17.74
C LEU C 15 15.96 -14.77 17.71
N SER C 16 16.49 -15.36 18.78
CA SER C 16 16.66 -16.81 18.80
C SER C 16 15.32 -17.56 18.89
N PHE C 17 14.27 -16.88 19.36
CA PHE C 17 12.93 -17.48 19.46
C PHE C 17 12.14 -17.40 18.15
N LEU C 18 12.38 -16.39 17.33
CA LEU C 18 11.62 -16.17 16.07
C LEU C 18 11.88 -17.14 14.91
N SER C 19 10.95 -17.24 13.97
CA SER C 19 11.25 -18.03 12.75
C SER C 19 12.08 -17.15 11.86
N HIS C 20 12.93 -17.80 11.08
CA HIS C 20 13.89 -17.08 10.25
C HIS C 20 13.82 -17.52 8.80
N ALA C 21 12.66 -18.03 8.40
CA ALA C 21 12.42 -18.52 7.07
C ALA C 21 12.31 -17.29 6.19
N VAL C 22 12.68 -17.44 4.93
CA VAL C 22 12.61 -16.36 3.96
C VAL C 22 11.84 -16.96 2.80
N PHE C 23 11.99 -18.29 2.62
CA PHE C 23 11.54 -19.02 1.42
C PHE C 23 10.68 -20.26 1.76
N SER C 24 10.27 -20.37 3.03
CA SER C 24 9.36 -21.42 3.46
C SER C 24 7.88 -21.17 3.10
N ASN C 25 7.18 -22.20 2.60
CA ASN C 25 5.70 -22.20 2.61
C ASN C 25 5.09 -22.89 3.86
N ARG C 26 5.90 -23.10 4.90
CA ARG C 26 5.50 -23.71 6.19
C ARG C 26 4.54 -22.76 6.92
N THR C 27 3.54 -23.35 7.57
CA THR C 27 2.56 -22.61 8.37
C THR C 27 2.78 -22.90 9.84
N LEU C 28 2.53 -21.92 10.72
CA LEU C 28 2.68 -22.17 12.14
C LEU C 28 1.46 -21.67 12.88
N ALA C 29 1.54 -21.66 14.20
CA ALA C 29 0.45 -21.26 15.08
C ALA C 29 0.90 -20.29 16.16
N CYS C 30 2.07 -19.69 15.99
CA CYS C 30 2.53 -18.71 16.96
C CYS C 30 3.24 -17.60 16.21
N PHE C 31 2.78 -16.37 16.42
CA PHE C 31 3.24 -15.23 15.65
C PHE C 31 3.53 -14.11 16.59
N ALA C 32 4.30 -13.17 16.09
CA ALA C 32 4.73 -12.02 16.85
C ALA C 32 4.67 -10.83 15.88
N ILE C 33 4.39 -9.62 16.39
CA ILE C 33 4.28 -8.41 15.58
C ILE C 33 4.88 -7.28 16.36
N TYR C 34 5.68 -6.48 15.67
CA TYR C 34 6.45 -5.44 16.31
C TYR C 34 6.01 -4.20 15.59
N THR C 35 5.34 -3.32 16.32
CA THR C 35 4.86 -2.09 15.72
C THR C 35 4.84 -0.92 16.73
N THR C 36 4.19 0.18 16.37
CA THR C 36 4.09 1.35 17.23
C THR C 36 3.11 1.12 18.39
N LYS C 37 3.16 2.01 19.37
CA LYS C 37 2.11 2.09 20.41
C LYS C 37 0.66 2.24 19.86
N GLU C 38 0.48 3.05 18.82
CA GLU C 38 -0.83 3.37 18.23
C GLU C 38 -1.51 2.20 17.58
N LYS C 39 -0.71 1.29 17.07
CA LYS C 39 -1.25 0.31 16.16
C LYS C 39 -1.44 -0.95 16.93
N ALA C 40 -0.67 -1.13 18.02
CA ALA C 40 -0.73 -2.34 18.83
C ALA C 40 -2.12 -2.48 19.43
N ALA C 41 -2.68 -1.35 19.89
CA ALA C 41 -4.05 -1.26 20.46
C ALA C 41 -5.09 -1.75 19.47
N LEU C 42 -5.16 -1.09 18.31
CA LEU C 42 -6.05 -1.52 17.23
C LEU C 42 -5.77 -2.96 16.80
N LEU C 43 -4.52 -3.30 16.61
CA LEU C 43 -4.18 -4.61 16.06
C LEU C 43 -4.61 -5.77 16.95
N TYR C 44 -4.42 -5.61 18.26
CA TYR C 44 -4.78 -6.59 19.25
C TYR C 44 -6.20 -7.16 19.10
N LYS C 45 -7.17 -6.27 18.91
CA LYS C 45 -8.55 -6.68 18.85
C LYS C 45 -8.81 -7.32 17.50
N LYS C 46 -8.42 -6.59 16.45
CA LYS C 46 -8.63 -7.01 15.08
C LYS C 46 -8.09 -8.42 14.86
N ILE C 47 -6.80 -8.59 15.19
CA ILE C 47 -6.10 -9.85 15.15
C ILE C 47 -6.78 -10.93 16.00
N MET C 48 -7.16 -10.55 17.22
CA MET C 48 -7.96 -11.42 18.09
C MET C 48 -9.20 -11.95 17.39
N GLU C 49 -10.03 -11.07 16.87
CA GLU C 49 -11.23 -11.47 16.14
C GLU C 49 -10.91 -12.27 14.89
N LYS C 50 -10.03 -11.76 14.02
CA LYS C 50 -9.73 -12.45 12.76
C LYS C 50 -9.28 -13.90 12.90
N TYR C 51 -8.42 -14.15 13.88
CA TYR C 51 -7.72 -15.41 13.92
C TYR C 51 -8.18 -16.27 15.06
N SER C 52 -9.19 -15.76 15.79
CA SER C 52 -9.83 -16.48 16.89
C SER C 52 -8.76 -17.03 17.84
N VAL C 53 -7.92 -16.13 18.33
CA VAL C 53 -6.70 -16.49 19.04
C VAL C 53 -6.96 -17.34 20.30
N THR C 54 -6.21 -18.43 20.47
CA THR C 54 -6.25 -19.12 21.74
C THR C 54 -5.51 -18.28 22.79
N PHE C 55 -4.62 -17.40 22.35
CA PHE C 55 -4.00 -16.46 23.29
C PHE C 55 -3.49 -15.20 22.60
N ILE C 56 -3.58 -14.04 23.23
CA ILE C 56 -2.89 -12.84 22.74
C ILE C 56 -2.42 -12.04 23.91
N SER C 57 -1.22 -11.49 23.81
CA SER C 57 -0.70 -10.52 24.76
C SER C 57 -0.07 -9.34 24.02
N ARG C 58 -0.04 -8.21 24.71
CA ARG C 58 0.49 -6.95 24.21
C ARG C 58 1.61 -6.55 25.13
N HIS C 59 2.77 -6.20 24.58
CA HIS C 59 3.93 -5.94 25.41
C HIS C 59 4.63 -4.61 25.19
N ASN C 60 5.31 -4.15 26.23
CA ASN C 60 6.26 -3.07 26.08
C ASN C 60 7.61 -3.49 25.55
N SER C 61 8.05 -2.74 24.53
CA SER C 61 9.39 -2.89 23.95
C SER C 61 10.02 -1.57 23.54
N TYR C 62 11.04 -1.14 24.26
CA TYR C 62 11.90 -0.04 23.79
C TYR C 62 11.07 1.00 23.08
N ASN C 63 10.15 1.65 23.78
CA ASN C 63 9.31 2.73 23.19
C ASN C 63 8.37 2.35 22.04
N HIS C 64 8.26 1.05 21.76
CA HIS C 64 7.17 0.53 20.93
C HIS C 64 6.53 -0.71 21.62
N ASN C 65 5.75 -1.50 20.87
CA ASN C 65 4.98 -2.61 21.41
C ASN C 65 5.10 -3.86 20.59
N ILE C 66 4.95 -5.01 21.26
CA ILE C 66 4.99 -6.32 20.65
C ILE C 66 3.69 -7.08 20.96
N LEU C 67 3.12 -7.70 19.92
CA LEU C 67 1.96 -8.51 20.07
C LEU C 67 2.39 -9.95 19.86
N PHE C 68 2.11 -10.78 20.86
CA PHE C 68 2.41 -12.19 20.76
C PHE C 68 1.06 -12.90 20.74
N PHE C 69 0.91 -13.93 19.93
CA PHE C 69 -0.38 -14.62 19.86
C PHE C 69 -0.27 -16.01 19.32
N LEU C 70 -1.15 -16.88 19.84
CA LEU C 70 -1.31 -18.25 19.38
C LEU C 70 -2.64 -18.33 18.68
N THR C 71 -2.74 -19.26 17.71
CA THR C 71 -3.90 -19.41 16.83
C THR C 71 -4.26 -20.91 16.82
N PRO C 72 -5.56 -21.26 16.82
CA PRO C 72 -5.95 -22.68 16.95
C PRO C 72 -5.72 -23.40 15.63
N HIS C 73 -5.59 -22.62 14.56
CA HIS C 73 -5.25 -23.07 13.21
C HIS C 73 -3.90 -22.53 12.68
N ARG C 74 -3.31 -23.26 11.71
CA ARG C 74 -2.02 -22.89 11.07
C ARG C 74 -2.17 -21.84 9.98
N HIS C 75 -1.31 -20.82 10.05
CA HIS C 75 -1.23 -19.73 9.07
C HIS C 75 0.17 -19.51 8.56
N ARG C 76 0.24 -18.89 7.39
CA ARG C 76 1.46 -18.49 6.79
C ARG C 76 1.86 -17.19 7.49
N VAL C 77 3.14 -17.01 7.76
CA VAL C 77 3.61 -15.70 8.23
C VAL C 77 3.15 -14.58 7.30
N SER C 78 3.32 -14.72 5.99
CA SER C 78 2.88 -13.65 5.08
C SER C 78 1.36 -13.43 5.07
N ALA C 79 0.58 -14.43 5.47
CA ALA C 79 -0.85 -14.25 5.50
C ALA C 79 -1.18 -13.33 6.66
N ILE C 80 -0.62 -13.59 7.84
CA ILE C 80 -0.79 -12.69 8.98
C ILE C 80 -0.25 -11.30 8.61
N ASN C 81 0.97 -11.23 8.06
CA ASN C 81 1.60 -9.96 7.57
C ASN C 81 0.74 -9.12 6.62
N ASN C 82 0.16 -9.74 5.61
CA ASN C 82 -0.75 -9.10 4.68
C ASN C 82 -2.02 -8.57 5.32
N TYR C 83 -2.70 -9.41 6.11
CA TYR C 83 -3.83 -8.94 6.93
C TYR C 83 -3.47 -7.70 7.74
N ALA C 84 -2.35 -7.71 8.45
CA ALA C 84 -1.96 -6.58 9.34
C ALA C 84 -1.42 -5.34 8.64
N GLN C 85 -0.80 -5.50 7.48
CA GLN C 85 -0.34 -4.36 6.65
C GLN C 85 -1.49 -3.52 6.03
N LYS C 86 -2.63 -4.18 5.84
CA LYS C 86 -3.83 -3.58 5.27
C LYS C 86 -4.64 -2.78 6.30
N LEU C 87 -4.21 -2.82 7.55
CA LEU C 87 -4.66 -1.87 8.56
C LEU C 87 -3.83 -0.59 8.44
N CYS C 88 -2.51 -0.74 8.59
CA CYS C 88 -1.50 0.33 8.50
C CYS C 88 -1.42 1.18 7.21
N THR C 89 -0.18 1.64 6.95
CA THR C 89 0.41 2.07 5.65
C THR C 89 1.93 2.44 5.69
N PHE C 90 2.43 3.53 6.32
CA PHE C 90 1.81 4.46 7.30
C PHE C 90 2.42 4.40 8.70
N SER C 91 3.07 3.26 9.03
CA SER C 91 3.87 3.09 10.28
C SER C 91 4.56 1.74 10.26
N PHE C 92 5.64 1.58 11.02
CA PHE C 92 6.42 0.34 10.96
C PHE C 92 5.70 -0.88 11.51
N LEU C 93 6.01 -2.04 10.92
CA LEU C 93 5.42 -3.31 11.31
C LEU C 93 6.31 -4.44 10.87
N ILE C 94 6.83 -5.19 11.83
CA ILE C 94 7.59 -6.37 11.56
C ILE C 94 6.79 -7.55 12.08
N CYS C 95 6.48 -8.49 11.19
CA CYS C 95 5.69 -9.61 11.53
C CYS C 95 6.42 -10.96 11.23
N LYS C 96 6.52 -11.83 12.25
CA LYS C 96 7.36 -13.03 12.23
C LYS C 96 6.70 -14.20 12.93
N GLY C 97 6.92 -15.42 12.45
CA GLY C 97 6.54 -16.62 13.16
C GLY C 97 7.46 -16.84 14.35
N VAL C 98 6.94 -17.51 15.38
CA VAL C 98 7.70 -17.79 16.61
C VAL C 98 7.93 -19.28 16.72
N ASN C 99 9.20 -19.66 16.84
CA ASN C 99 9.60 -21.05 16.91
C ASN C 99 9.57 -21.53 18.38
N LYS C 100 9.97 -20.66 19.29
CA LYS C 100 10.07 -20.99 20.71
C LYS C 100 9.02 -20.22 21.54
N GLU C 101 7.79 -20.74 21.55
CA GLU C 101 6.65 -20.06 22.17
C GLU C 101 6.81 -19.78 23.68
N TYR C 102 7.16 -20.80 24.48
CA TYR C 102 7.32 -20.54 25.93
C TYR C 102 8.40 -19.48 26.11
N LEU C 103 9.52 -19.67 25.42
CA LEU C 103 10.68 -18.81 25.64
C LEU C 103 10.44 -17.38 25.26
N MET C 104 9.78 -17.19 24.11
CA MET C 104 9.40 -15.89 23.61
C MET C 104 8.39 -15.24 24.58
N TYR C 105 7.31 -15.93 24.91
CA TYR C 105 6.40 -15.40 25.95
C TYR C 105 7.12 -14.98 27.25
N SER C 106 7.96 -15.86 27.79
CA SER C 106 8.50 -15.53 29.12
C SER C 106 9.53 -14.39 29.09
N ALA C 107 10.35 -14.34 28.05
CA ALA C 107 11.19 -13.18 27.75
C ALA C 107 10.39 -11.87 27.67
N LEU C 108 9.18 -11.92 27.11
CA LEU C 108 8.34 -10.70 26.98
C LEU C 108 7.72 -10.24 28.30
N THR C 109 7.61 -11.17 29.25
CA THR C 109 7.17 -10.81 30.61
C THR C 109 8.29 -10.25 31.52
N ARG C 110 9.56 -10.43 31.15
CA ARG C 110 10.68 -9.87 31.93
C ARG C 110 11.40 -8.71 31.25
N ASP C 111 12.13 -7.94 32.07
CA ASP C 111 12.93 -6.79 31.60
C ASP C 111 13.74 -7.08 30.33
N PRO C 112 13.87 -6.10 29.41
CA PRO C 112 13.22 -4.79 29.52
C PRO C 112 11.80 -4.74 28.93
N PHE C 113 11.19 -5.90 28.78
CA PHE C 113 9.82 -5.99 28.27
C PHE C 113 8.86 -6.08 29.46
N SER C 114 7.58 -5.86 29.18
CA SER C 114 6.50 -6.00 30.19
C SER C 114 5.15 -6.19 29.52
N VAL C 115 4.20 -6.78 30.23
CA VAL C 115 2.82 -6.94 29.77
C VAL C 115 2.00 -5.65 29.99
N ILE C 116 1.42 -5.12 28.91
CA ILE C 116 0.41 -4.07 28.92
C ILE C 116 -0.95 -4.71 29.25
N GLU C 117 -1.30 -5.75 28.48
CA GLU C 117 -2.55 -6.47 28.61
C GLU C 117 -2.39 -7.84 27.97
N GLU C 118 -3.12 -8.84 28.43
CA GLU C 118 -3.11 -10.17 27.81
C GLU C 118 -4.46 -10.86 28.02
N SER C 119 -4.85 -11.77 27.13
CA SER C 119 -6.22 -12.29 27.10
C SER C 119 -6.51 -13.36 28.16
N LEU C 120 -5.47 -14.10 28.56
CA LEU C 120 -5.46 -14.98 29.73
C LEU C 120 -4.36 -14.50 30.67
N PRO C 121 -4.67 -14.35 31.95
CA PRO C 121 -3.69 -13.85 32.93
C PRO C 121 -2.60 -14.89 33.23
N GLY C 122 -1.36 -14.55 32.97
CA GLY C 122 -0.27 -15.47 33.26
C GLY C 122 0.23 -16.20 32.04
N GLY C 123 -0.67 -16.42 31.09
CA GLY C 123 -0.32 -16.87 29.74
C GLY C 123 0.19 -18.28 29.69
N LEU C 124 1.29 -18.46 28.97
CA LEU C 124 1.89 -19.77 28.71
C LEU C 124 2.60 -20.34 29.95
N LYS C 125 2.81 -19.51 30.96
CA LYS C 125 3.28 -19.94 32.30
C LYS C 125 2.20 -20.62 33.13
N GLU C 126 0.94 -20.27 32.88
CA GLU C 126 -0.16 -20.71 33.73
C GLU C 126 -1.15 -21.61 33.00
N HIS C 127 -0.95 -21.70 31.70
CA HIS C 127 -1.86 -22.42 30.83
C HIS C 127 -1.09 -23.24 29.76
N ASP C 128 -1.45 -24.51 29.64
CA ASP C 128 -1.11 -25.25 28.45
C ASP C 128 -2.02 -24.70 27.36
N PHE C 129 -1.52 -24.63 26.14
CA PHE C 129 -2.41 -24.40 25.02
C PHE C 129 -2.31 -25.59 24.06
N ASN C 130 -1.55 -26.59 24.51
CA ASN C 130 -1.32 -27.89 23.85
C ASN C 130 -1.90 -28.09 22.43
N GLU D 5 -5.65 13.91 -1.50
CA GLU D 5 -7.09 13.88 -1.09
C GLU D 5 -8.06 14.69 -1.95
N ASP D 6 -7.77 15.98 -2.20
CA ASP D 6 -8.79 17.01 -2.61
C ASP D 6 -9.86 16.72 -3.72
N PRO D 7 -9.59 16.98 -5.02
CA PRO D 7 -10.62 16.81 -6.10
C PRO D 7 -11.30 15.43 -6.18
N LYS D 8 -12.54 15.40 -6.69
CA LYS D 8 -13.38 14.17 -6.68
C LYS D 8 -13.58 13.52 -8.06
N ASP D 9 -13.13 14.22 -9.11
CA ASP D 9 -13.16 13.76 -10.48
C ASP D 9 -12.30 14.72 -11.29
N PHE D 10 -12.28 14.53 -12.62
CA PHE D 10 -11.60 15.42 -13.57
C PHE D 10 -12.39 16.72 -13.72
N PRO D 11 -11.75 17.82 -14.13
CA PRO D 11 -12.49 19.06 -14.34
C PRO D 11 -13.64 18.80 -15.32
N SER D 12 -14.78 19.44 -15.05
CA SER D 12 -16.01 19.18 -15.78
C SER D 12 -15.88 19.43 -17.27
N GLU D 13 -15.03 20.38 -17.64
CA GLU D 13 -14.82 20.72 -19.05
C GLU D 13 -14.01 19.69 -19.86
N LEU D 14 -13.47 18.67 -19.18
CA LEU D 14 -12.73 17.62 -19.86
C LEU D 14 -13.51 16.32 -19.89
N LEU D 15 -14.57 16.27 -19.09
CA LEU D 15 -15.37 15.06 -18.92
C LEU D 15 -15.92 14.47 -20.21
N SER D 16 -16.27 15.32 -21.18
CA SER D 16 -16.79 14.79 -22.47
C SER D 16 -15.79 13.86 -23.22
N PHE D 17 -14.50 13.89 -22.82
CA PHE D 17 -13.41 13.22 -23.57
C PHE D 17 -13.07 11.88 -23.06
N LEU D 18 -13.50 11.63 -21.82
CA LEU D 18 -13.07 10.51 -21.02
C LEU D 18 -14.03 9.37 -21.16
N SER D 19 -13.60 8.21 -20.74
CA SER D 19 -14.53 7.09 -20.66
C SER D 19 -14.88 6.90 -19.20
N HIS D 20 -16.16 6.60 -18.95
CA HIS D 20 -16.74 6.47 -17.59
C HIS D 20 -17.22 5.04 -17.32
N ALA D 21 -17.10 4.20 -18.33
CA ALA D 21 -17.31 2.79 -18.19
C ALA D 21 -16.87 2.35 -16.80
N VAL D 22 -17.71 1.51 -16.16
CA VAL D 22 -17.40 0.86 -14.87
C VAL D 22 -17.47 -0.67 -15.00
N PHE D 23 -18.19 -1.16 -16.01
CA PHE D 23 -18.42 -2.60 -16.15
C PHE D 23 -17.85 -3.17 -17.43
N SER D 24 -16.92 -2.43 -18.03
CA SER D 24 -16.31 -2.84 -19.27
C SER D 24 -14.93 -3.46 -19.07
N ASN D 25 -14.69 -4.59 -19.72
CA ASN D 25 -13.37 -5.22 -19.84
C ASN D 25 -12.53 -4.75 -21.07
N ARG D 26 -13.04 -3.73 -21.77
CA ARG D 26 -12.39 -3.10 -22.92
C ARG D 26 -11.09 -2.44 -22.52
N THR D 27 -10.14 -2.48 -23.45
CA THR D 27 -8.81 -1.96 -23.24
C THR D 27 -8.61 -0.75 -24.16
N LEU D 28 -7.75 0.15 -23.71
CA LEU D 28 -7.54 1.40 -24.40
C LEU D 28 -6.03 1.65 -24.63
N ALA D 29 -5.70 2.69 -25.39
CA ALA D 29 -4.29 3.17 -25.48
C ALA D 29 -4.10 4.64 -25.09
N CYS D 30 -5.14 5.28 -24.55
CA CYS D 30 -5.01 6.66 -24.08
C CYS D 30 -5.61 6.80 -22.69
N PHE D 31 -4.87 7.40 -21.76
CA PHE D 31 -5.30 7.54 -20.39
C PHE D 31 -4.89 8.90 -19.87
N ALA D 32 -5.61 9.36 -18.86
CA ALA D 32 -5.24 10.57 -18.13
C ALA D 32 -5.35 10.31 -16.62
N ILE D 33 -4.56 11.04 -15.85
CA ILE D 33 -4.47 10.81 -14.43
C ILE D 33 -4.48 12.17 -13.83
N TYR D 34 -5.25 12.30 -12.74
CA TYR D 34 -5.36 13.54 -11.99
C TYR D 34 -4.67 13.29 -10.65
N THR D 35 -3.74 14.16 -10.30
CA THR D 35 -3.09 14.02 -9.03
C THR D 35 -2.29 15.28 -8.61
N THR D 36 -1.61 15.19 -7.46
CA THR D 36 -0.86 16.32 -6.93
C THR D 36 0.34 16.59 -7.82
N LYS D 37 0.94 17.77 -7.65
CA LYS D 37 2.21 18.12 -8.26
C LYS D 37 3.30 17.04 -8.05
N GLU D 38 3.54 16.64 -6.80
CA GLU D 38 4.65 15.70 -6.46
C GLU D 38 4.46 14.33 -7.09
N LYS D 39 3.20 13.89 -7.13
CA LYS D 39 2.83 12.57 -7.65
C LYS D 39 2.88 12.47 -9.17
N ALA D 40 2.44 13.55 -9.83
CA ALA D 40 2.50 13.70 -11.28
C ALA D 40 3.93 13.77 -11.86
N ALA D 41 4.81 14.54 -11.23
CA ALA D 41 6.22 14.57 -11.63
C ALA D 41 6.85 13.17 -11.65
N LEU D 42 6.56 12.37 -10.63
CA LEU D 42 7.06 10.99 -10.47
C LEU D 42 6.40 9.98 -11.39
N LEU D 43 5.10 10.13 -11.59
CA LEU D 43 4.37 9.19 -12.42
C LEU D 43 4.66 9.46 -13.91
N TYR D 44 5.03 10.70 -14.22
CA TYR D 44 5.59 11.03 -15.52
C TYR D 44 6.74 10.08 -15.85
N LYS D 45 7.81 10.13 -15.03
CA LYS D 45 8.96 9.22 -15.17
C LYS D 45 8.57 7.77 -15.13
N LYS D 46 7.74 7.37 -14.17
CA LYS D 46 7.56 5.95 -13.91
C LYS D 46 6.59 5.24 -14.85
N ILE D 47 5.60 5.97 -15.37
CA ILE D 47 4.62 5.45 -16.31
C ILE D 47 5.27 5.25 -17.67
N MET D 48 6.16 6.17 -18.00
CA MET D 48 6.92 6.13 -19.22
C MET D 48 7.88 4.95 -19.27
N GLU D 49 8.67 4.73 -18.21
CA GLU D 49 9.56 3.55 -18.12
C GLU D 49 8.66 2.32 -18.20
N LYS D 50 7.58 2.35 -17.43
CA LYS D 50 6.72 1.20 -17.21
C LYS D 50 6.01 0.77 -18.47
N TYR D 51 5.31 1.71 -19.09
CA TYR D 51 4.43 1.38 -20.20
C TYR D 51 5.10 1.68 -21.55
N SER D 52 6.33 2.19 -21.45
CA SER D 52 7.12 2.63 -22.59
C SER D 52 6.25 3.41 -23.54
N VAL D 53 5.62 4.42 -22.97
CA VAL D 53 4.64 5.22 -23.65
C VAL D 53 5.21 5.79 -24.95
N THR D 54 4.35 5.82 -25.95
CA THR D 54 4.65 6.52 -27.18
C THR D 54 4.65 8.08 -27.04
N PHE D 55 3.99 8.59 -26.00
CA PHE D 55 3.88 10.02 -25.68
C PHE D 55 3.30 10.12 -24.27
N ILE D 56 3.75 11.13 -23.51
CA ILE D 56 3.28 11.43 -22.16
C ILE D 56 3.47 12.90 -21.87
N SER D 57 2.41 13.58 -21.37
CA SER D 57 2.58 14.94 -20.96
C SER D 57 2.04 15.22 -19.59
N ARG D 58 2.55 16.27 -18.97
CA ARG D 58 2.15 16.66 -17.64
C ARG D 58 1.69 18.12 -17.65
N HIS D 59 0.52 18.38 -17.07
CA HIS D 59 -0.16 19.66 -17.23
C HIS D 59 -0.66 20.23 -15.91
N ASN D 60 -0.70 21.55 -15.87
CA ASN D 60 -1.41 22.32 -14.87
C ASN D 60 -2.93 22.23 -14.96
N SER D 61 -3.55 21.86 -13.83
CA SER D 61 -5.00 21.75 -13.67
C SER D 61 -5.42 22.19 -12.27
N TYR D 62 -5.88 23.44 -12.15
CA TYR D 62 -6.61 23.90 -10.96
C TYR D 62 -5.97 23.44 -9.66
N ASN D 63 -4.91 24.09 -9.19
CA ASN D 63 -4.23 23.66 -7.93
C ASN D 63 -3.38 22.39 -8.08
N HIS D 64 -3.69 21.53 -9.05
CA HIS D 64 -3.03 20.24 -9.18
C HIS D 64 -2.49 19.97 -10.60
N ASN D 65 -2.32 18.70 -10.94
CA ASN D 65 -1.72 18.28 -12.20
C ASN D 65 -2.54 17.18 -12.88
N ILE D 66 -2.58 17.19 -14.21
CA ILE D 66 -3.07 16.04 -14.98
C ILE D 66 -1.91 15.47 -15.82
N LEU D 67 -1.87 14.14 -15.92
CA LEU D 67 -0.96 13.43 -16.79
C LEU D 67 -1.76 12.77 -17.88
N PHE D 68 -1.40 13.06 -19.14
CA PHE D 68 -2.02 12.49 -20.35
C PHE D 68 -0.95 11.67 -21.09
N PHE D 69 -1.31 10.49 -21.61
CA PHE D 69 -0.33 9.63 -22.25
C PHE D 69 -0.95 8.53 -23.10
N LEU D 70 -0.20 8.08 -24.11
CA LEU D 70 -0.62 7.09 -25.07
C LEU D 70 0.35 5.95 -24.98
N THR D 71 -0.16 4.74 -24.98
CA THR D 71 0.67 3.58 -24.76
C THR D 71 0.70 2.77 -26.03
N PRO D 72 1.86 2.15 -26.35
CA PRO D 72 2.04 1.50 -27.66
C PRO D 72 1.19 0.22 -27.75
N HIS D 73 0.88 -0.39 -26.60
CA HIS D 73 -0.10 -1.49 -26.48
C HIS D 73 -1.35 -1.10 -25.66
N ARG D 74 -2.32 -2.01 -25.67
CA ARG D 74 -3.60 -1.77 -25.05
C ARG D 74 -3.64 -2.21 -23.57
N HIS D 75 -4.20 -1.36 -22.72
CA HIS D 75 -4.35 -1.68 -21.31
C HIS D 75 -5.78 -1.45 -20.82
N ARG D 76 -6.16 -2.14 -19.74
CA ARG D 76 -7.40 -1.87 -19.04
C ARG D 76 -7.14 -0.64 -18.20
N VAL D 77 -8.11 0.26 -18.08
CA VAL D 77 -7.96 1.39 -17.14
C VAL D 77 -7.60 0.90 -15.73
N SER D 78 -8.16 -0.25 -15.33
CA SER D 78 -7.94 -0.77 -14.00
C SER D 78 -6.49 -1.15 -13.78
N ALA D 79 -5.84 -1.71 -14.81
CA ALA D 79 -4.37 -1.87 -14.79
C ALA D 79 -3.60 -0.54 -14.57
N ILE D 80 -3.86 0.44 -15.41
CA ILE D 80 -3.13 1.69 -15.28
C ILE D 80 -3.33 2.19 -13.83
N ASN D 81 -4.54 1.97 -13.31
CA ASN D 81 -4.94 2.39 -11.95
C ASN D 81 -4.28 1.56 -10.83
N ASN D 82 -4.34 0.24 -10.91
CA ASN D 82 -3.59 -0.56 -9.96
C ASN D 82 -2.06 -0.21 -9.92
N TYR D 83 -1.46 0.08 -11.08
CA TYR D 83 -0.09 0.52 -11.10
C TYR D 83 0.10 1.88 -10.42
N ALA D 84 -0.66 2.89 -10.86
CA ALA D 84 -0.55 4.25 -10.33
C ALA D 84 -0.89 4.35 -8.85
N GLN D 85 -1.82 3.50 -8.38
CA GLN D 85 -2.17 3.42 -6.94
C GLN D 85 -0.99 3.03 -6.08
N LYS D 86 -0.21 2.05 -6.56
CA LYS D 86 0.99 1.55 -5.87
C LYS D 86 2.12 2.57 -5.67
N LEU D 87 2.00 3.75 -6.28
CA LEU D 87 3.00 4.82 -6.07
C LEU D 87 2.39 6.05 -5.36
N CYS D 88 1.22 5.85 -4.74
CA CYS D 88 0.68 6.69 -3.64
C CYS D 88 0.69 5.84 -2.32
N THR D 89 0.98 6.36 -1.12
CA THR D 89 0.69 7.71 -0.58
C THR D 89 -0.81 8.01 -0.68
N PHE D 90 -1.50 8.04 0.46
CA PHE D 90 -2.94 8.30 0.41
C PHE D 90 -3.19 9.80 0.04
N SER D 91 -2.35 10.22 -0.92
CA SER D 91 -2.56 11.33 -1.84
C SER D 91 -3.61 10.90 -2.88
N PHE D 92 -4.36 11.85 -3.45
CA PHE D 92 -5.47 11.50 -4.38
C PHE D 92 -5.03 11.14 -5.81
N LEU D 93 -5.89 10.38 -6.50
CA LEU D 93 -5.63 9.92 -7.86
C LEU D 93 -6.89 9.52 -8.62
N ILE D 94 -7.29 10.34 -9.59
CA ILE D 94 -8.34 9.92 -10.53
C ILE D 94 -7.66 9.42 -11.78
N CYS D 95 -8.01 8.21 -12.21
CA CYS D 95 -7.40 7.64 -13.37
C CYS D 95 -8.42 7.15 -14.37
N LYS D 96 -8.36 7.69 -15.58
CA LYS D 96 -9.43 7.41 -16.55
C LYS D 96 -8.97 7.17 -17.96
N GLY D 97 -9.74 6.36 -18.68
CA GLY D 97 -9.50 6.15 -20.10
C GLY D 97 -9.87 7.39 -20.91
N VAL D 98 -9.16 7.62 -22.00
CA VAL D 98 -9.46 8.75 -22.88
C VAL D 98 -9.99 8.23 -24.21
N ASN D 99 -11.25 8.53 -24.45
CA ASN D 99 -11.94 8.31 -25.71
C ASN D 99 -11.55 9.28 -26.86
N LYS D 100 -11.38 10.57 -26.55
CA LYS D 100 -11.18 11.63 -27.56
C LYS D 100 -9.82 12.19 -27.34
N GLU D 101 -8.82 11.45 -27.83
CA GLU D 101 -7.40 11.69 -27.52
C GLU D 101 -6.91 13.06 -27.89
N TYR D 102 -7.17 13.48 -29.12
CA TYR D 102 -6.68 14.76 -29.61
C TYR D 102 -7.32 15.89 -28.83
N LEU D 103 -8.65 15.81 -28.69
CA LEU D 103 -9.45 16.86 -28.07
C LEU D 103 -9.07 17.02 -26.62
N MET D 104 -8.85 15.89 -25.94
CA MET D 104 -8.30 15.90 -24.56
C MET D 104 -6.92 16.59 -24.52
N TYR D 105 -5.94 16.09 -25.29
CA TYR D 105 -4.62 16.72 -25.30
C TYR D 105 -4.76 18.22 -25.59
N SER D 106 -5.50 18.60 -26.66
CA SER D 106 -5.56 19.99 -27.08
C SER D 106 -6.17 20.91 -26.03
N ALA D 107 -7.24 20.47 -25.38
CA ALA D 107 -7.84 21.18 -24.25
C ALA D 107 -6.79 21.46 -23.17
N LEU D 108 -6.05 20.41 -22.76
CA LEU D 108 -4.97 20.47 -21.74
C LEU D 108 -3.79 21.40 -22.04
N THR D 109 -3.66 21.73 -23.32
CA THR D 109 -2.67 22.68 -23.78
C THR D 109 -3.09 24.17 -23.78
N ARG D 110 -4.40 24.43 -23.66
CA ARG D 110 -5.00 25.78 -23.63
C ARG D 110 -5.65 26.12 -22.26
N ASP D 111 -5.89 27.41 -22.02
CA ASP D 111 -6.50 27.94 -20.78
C ASP D 111 -7.87 27.29 -20.53
N PRO D 112 -8.17 26.81 -19.30
CA PRO D 112 -7.36 27.06 -18.09
C PRO D 112 -6.10 26.22 -17.89
N PHE D 113 -5.75 25.40 -18.87
CA PHE D 113 -4.69 24.42 -18.72
C PHE D 113 -3.42 24.88 -19.44
N SER D 114 -2.29 24.28 -19.07
CA SER D 114 -0.99 24.54 -19.73
C SER D 114 -0.09 23.31 -19.60
N VAL D 115 0.86 23.18 -20.54
CA VAL D 115 1.84 22.09 -20.50
C VAL D 115 2.94 22.46 -19.50
N ILE D 116 3.42 21.48 -18.74
CA ILE D 116 4.62 21.62 -17.89
C ILE D 116 5.79 20.92 -18.57
N GLU D 117 5.62 19.64 -18.84
CA GLU D 117 6.60 18.87 -19.60
C GLU D 117 5.92 17.81 -20.46
N GLU D 118 6.53 17.49 -21.60
CA GLU D 118 6.03 16.41 -22.45
C GLU D 118 7.16 15.70 -23.15
N SER D 119 6.91 14.45 -23.53
CA SER D 119 7.98 13.52 -23.93
C SER D 119 8.42 13.69 -25.40
N LEU D 120 7.75 14.59 -26.11
CA LEU D 120 8.17 14.97 -27.46
C LEU D 120 8.39 16.49 -27.53
N PRO D 121 9.47 16.95 -28.20
CA PRO D 121 9.68 18.40 -28.36
C PRO D 121 8.55 19.03 -29.15
N GLY D 122 7.89 20.02 -28.56
CA GLY D 122 6.75 20.69 -29.20
C GLY D 122 5.49 19.85 -29.24
N GLY D 123 5.39 18.86 -28.34
CA GLY D 123 4.17 18.11 -28.09
C GLY D 123 3.56 17.42 -29.29
N LEU D 124 2.24 17.26 -29.27
CA LEU D 124 1.51 16.61 -30.35
C LEU D 124 0.74 17.61 -31.21
N LYS D 125 0.61 17.30 -32.50
CA LYS D 125 -0.27 18.01 -33.44
C LYS D 125 -1.41 17.07 -33.81
N GLU D 126 -2.35 17.55 -34.64
CA GLU D 126 -3.56 16.77 -34.93
C GLU D 126 -3.32 15.47 -35.70
N HIS D 127 -2.70 15.53 -36.88
CA HIS D 127 -2.17 14.30 -37.47
C HIS D 127 -1.30 13.76 -36.34
N ASP D 128 -1.07 12.45 -36.27
CA ASP D 128 -0.54 11.85 -35.00
C ASP D 128 -1.68 11.08 -34.34
N PHE D 129 -2.88 11.66 -34.39
CA PHE D 129 -4.08 11.02 -33.86
C PHE D 129 -4.91 10.37 -34.95
N ASN D 130 -5.27 9.10 -34.74
CA ASN D 130 -6.20 8.36 -35.59
C ASN D 130 -7.30 7.68 -34.77
#